data_7JI0
#
_entry.id   7JI0
#
_cell.length_a   1.00
_cell.length_b   1.00
_cell.length_c   1.00
_cell.angle_alpha   90.00
_cell.angle_beta   90.00
_cell.angle_gamma   90.00
#
_symmetry.space_group_name_H-M   'P 1'
#
loop_
_entity.id
_entity.type
_entity.pdbx_description
1 polymer 'Positive transcriptional regulator MutR family'
2 polymer SHP3
#
loop_
_entity_poly.entity_id
_entity_poly.type
_entity_poly.pdbx_seq_one_letter_code
_entity_poly.pdbx_strand_id
1 'polypeptide(L)'
;MKSKLGSTLRKVRNGKQISICSVADEHLSKSQISRFERGESEISCIRLINILDKLHITLDEFLILHDEDYTKTESFANLV
QYIRKQYSLQNINNIQSLLSDSSNYTLDPFEKTMVKSILHTMDSSIIPSDDELLQLADYLFKVEKWGYYEIILLGNCVRT
IDYNSVFLLTKEMLNNYIYSSLNKTNKRIVTQLAINCLILSIDMEEFTNCFYLIDEIKALLDNELNFYEQTVFLYATGYF
EFKRWQSTSGIEKMKQAIQVLDILGEDNLKLHYTIHFDKLINNK
;
A,B
2 'polypeptide(L)' DIIIIVGG C,D
#
# COMPACT_ATOMS: atom_id res chain seq x y z
N THR A 71 -4.38 -0.06 25.02
CA THR A 71 -3.83 1.30 24.91
C THR A 71 -4.81 2.22 24.19
N LYS A 72 -4.47 3.51 24.15
CA LYS A 72 -5.35 4.49 23.53
C LYS A 72 -5.16 4.54 22.02
N THR A 73 -3.91 4.47 21.56
CA THR A 73 -3.62 4.58 20.13
C THR A 73 -3.97 3.32 19.36
N GLU A 74 -4.65 2.36 19.97
CA GLU A 74 -5.16 1.20 19.26
C GLU A 74 -6.60 1.36 18.82
N SER A 75 -7.39 2.18 19.50
CA SER A 75 -8.76 2.47 19.08
C SER A 75 -8.83 3.64 18.12
N PHE A 76 -7.89 4.59 18.20
CA PHE A 76 -7.87 5.70 17.28
C PHE A 76 -7.63 5.22 15.85
N ALA A 77 -6.76 4.23 15.68
CA ALA A 77 -6.51 3.68 14.36
C ALA A 77 -7.77 3.03 13.79
N ASN A 78 -8.49 2.27 14.62
CA ASN A 78 -9.73 1.65 14.15
C ASN A 78 -10.77 2.70 13.82
N LEU A 79 -10.82 3.77 14.60
CA LEU A 79 -11.75 4.86 14.30
C LEU A 79 -11.45 5.49 12.94
N VAL A 80 -10.17 5.77 12.69
CA VAL A 80 -9.79 6.38 11.42
C VAL A 80 -10.07 5.45 10.26
N GLN A 81 -9.83 4.14 10.45
CA GLN A 81 -10.08 3.20 9.36
C GLN A 81 -11.57 3.03 9.10
N TYR A 82 -12.38 3.04 10.15
CA TYR A 82 -13.83 3.00 9.97
C TYR A 82 -14.32 4.24 9.22
N ILE A 83 -13.81 5.41 9.60
CA ILE A 83 -14.17 6.63 8.89
C ILE A 83 -13.76 6.57 7.42
N ARG A 84 -12.56 6.10 7.13
CA ARG A 84 -12.09 6.03 5.75
C ARG A 84 -12.79 4.95 4.94
N LYS A 85 -13.34 3.92 5.58
CA LYS A 85 -14.12 2.92 4.88
C LYS A 85 -15.55 3.38 4.63
N GLN A 86 -16.15 4.13 5.55
CA GLN A 86 -17.46 4.72 5.27
C GLN A 86 -17.34 5.85 4.27
N TYR A 87 -16.18 6.51 4.18
CA TYR A 87 -15.99 7.57 3.21
C TYR A 87 -15.90 7.01 1.79
N SER A 88 -15.31 5.84 1.63
CA SER A 88 -15.17 5.25 0.30
C SER A 88 -16.52 4.80 -0.25
N LEU A 89 -17.34 4.16 0.58
CA LEU A 89 -18.69 3.79 0.19
C LEU A 89 -19.62 4.99 0.09
N GLN A 90 -19.12 6.20 0.34
CA GLN A 90 -19.92 7.42 0.33
C GLN A 90 -21.12 7.30 1.27
N ASN A 91 -20.88 6.71 2.44
CA ASN A 91 -21.94 6.46 3.42
C ASN A 91 -21.91 7.58 4.46
N ILE A 92 -22.45 8.74 4.09
CA ILE A 92 -22.74 9.78 5.06
C ILE A 92 -23.92 9.28 5.89
N ASN A 93 -24.18 9.95 7.01
CA ASN A 93 -25.17 9.58 8.01
C ASN A 93 -24.73 8.37 8.82
N ASN A 94 -23.62 7.72 8.46
CA ASN A 94 -22.96 6.76 9.32
C ASN A 94 -21.64 7.29 9.87
N ILE A 95 -21.03 8.26 9.18
CA ILE A 95 -19.98 9.06 9.80
C ILE A 95 -20.60 10.15 10.66
N GLN A 96 -21.73 10.70 10.21
CA GLN A 96 -22.46 11.67 11.01
C GLN A 96 -23.35 10.95 12.01
N SER A 97 -22.77 9.98 12.72
CA SER A 97 -23.40 9.38 13.87
C SER A 97 -22.43 9.15 15.00
N LEU A 98 -21.14 9.42 14.80
CA LEU A 98 -20.18 9.42 15.89
C LEU A 98 -20.27 10.70 16.70
N LEU A 99 -20.76 11.78 16.10
CA LEU A 99 -20.91 13.05 16.82
C LEU A 99 -22.03 12.96 17.85
N SER A 100 -23.18 12.43 17.44
CA SER A 100 -24.32 12.31 18.35
C SER A 100 -23.95 11.47 19.57
N ASP A 101 -24.62 11.76 20.69
CA ASP A 101 -24.29 11.10 21.94
C ASP A 101 -24.96 9.74 22.06
N SER A 102 -24.84 8.91 21.02
CA SER A 102 -25.25 7.51 21.12
C SER A 102 -24.49 6.74 20.04
N SER A 103 -23.40 6.08 20.45
CA SER A 103 -22.58 5.28 19.55
C SER A 103 -21.56 4.54 20.40
N ASN A 104 -20.68 3.80 19.71
CA ASN A 104 -19.60 3.10 20.39
C ASN A 104 -18.43 4.04 20.67
N TYR A 105 -17.85 4.60 19.61
CA TYR A 105 -16.72 5.51 19.76
C TYR A 105 -17.17 6.81 20.43
N THR A 106 -16.59 7.10 21.60
CA THR A 106 -16.76 8.39 22.25
C THR A 106 -15.47 9.17 22.08
N LEU A 107 -15.54 10.30 21.37
CA LEU A 107 -14.36 11.03 20.94
C LEU A 107 -14.11 12.23 21.83
N ASP A 108 -12.85 12.43 22.20
CA ASP A 108 -12.44 13.64 22.89
C ASP A 108 -12.55 14.83 21.93
N PRO A 109 -12.66 16.06 22.46
CA PRO A 109 -12.97 17.19 21.60
C PRO A 109 -11.98 17.45 20.47
N PHE A 110 -10.85 16.77 20.42
CA PHE A 110 -9.94 16.91 19.29
C PHE A 110 -10.26 15.95 18.15
N GLU A 111 -10.98 14.88 18.42
CA GLU A 111 -11.41 13.96 17.37
C GLU A 111 -12.76 14.36 16.79
N LYS A 112 -13.64 14.95 17.59
CA LYS A 112 -14.88 15.51 17.04
C LYS A 112 -14.57 16.59 16.02
N THR A 113 -13.56 17.42 16.28
CA THR A 113 -13.17 18.45 15.32
C THR A 113 -12.66 17.82 14.03
N MET A 114 -11.89 16.75 14.14
CA MET A 114 -11.39 16.08 12.94
C MET A 114 -12.53 15.45 12.15
N VAL A 115 -13.51 14.86 12.84
CA VAL A 115 -14.65 14.27 12.15
C VAL A 115 -15.47 15.35 11.46
N LYS A 116 -15.66 16.48 12.11
CA LYS A 116 -16.40 17.59 11.48
C LYS A 116 -15.65 18.12 10.27
N SER A 117 -14.32 18.19 10.35
CA SER A 117 -13.54 18.65 9.20
C SER A 117 -13.58 17.64 8.05
N ILE A 118 -13.67 16.35 8.36
CA ILE A 118 -13.79 15.35 7.31
C ILE A 118 -15.17 15.43 6.65
N LEU A 119 -16.22 15.60 7.46
CA LEU A 119 -17.56 15.75 6.92
C LEU A 119 -17.69 17.04 6.10
N HIS A 120 -16.94 18.08 6.47
CA HIS A 120 -17.01 19.34 5.74
C HIS A 120 -16.60 19.21 4.29
N THR A 121 -15.83 18.18 3.94
CA THR A 121 -15.46 17.97 2.55
C THR A 121 -16.60 17.34 1.76
N MET A 122 -17.45 16.56 2.43
CA MET A 122 -18.60 15.94 1.77
C MET A 122 -19.86 16.79 1.86
N ASP A 123 -19.92 17.73 2.79
CA ASP A 123 -21.11 18.56 2.98
C ASP A 123 -20.66 19.88 3.58
N SER A 124 -20.74 20.95 2.81
CA SER A 124 -20.14 22.24 3.15
C SER A 124 -20.84 22.97 4.29
N SER A 125 -21.83 22.41 4.99
CA SER A 125 -22.50 23.12 6.07
C SER A 125 -22.26 22.48 7.44
N ILE A 126 -21.15 21.76 7.59
CA ILE A 126 -20.85 21.05 8.83
C ILE A 126 -19.51 21.55 9.38
N ILE A 127 -19.21 22.83 9.15
CA ILE A 127 -17.96 23.45 9.58
C ILE A 127 -17.79 23.31 11.09
N PRO A 128 -16.56 23.22 11.57
CA PRO A 128 -16.31 23.34 13.01
C PRO A 128 -16.35 24.80 13.44
N SER A 129 -16.56 25.00 14.75
CA SER A 129 -16.57 26.35 15.27
C SER A 129 -15.18 26.95 15.24
N ASP A 130 -15.11 28.27 15.45
CA ASP A 130 -13.82 28.94 15.45
C ASP A 130 -13.03 28.63 16.71
N ASP A 131 -13.71 28.39 17.83
CA ASP A 131 -13.02 28.07 19.08
C ASP A 131 -12.35 26.71 18.99
N GLU A 132 -13.02 25.73 18.37
CA GLU A 132 -12.43 24.40 18.21
C GLU A 132 -11.15 24.47 17.40
N LEU A 133 -11.18 25.20 16.28
CA LEU A 133 -10.00 25.29 15.42
C LEU A 133 -8.89 26.09 16.10
N LEU A 134 -9.25 27.17 16.81
CA LEU A 134 -8.26 27.92 17.56
C LEU A 134 -7.55 27.03 18.57
N GLN A 135 -8.31 26.25 19.33
CA GLN A 135 -7.70 25.42 20.37
C GLN A 135 -6.90 24.28 19.76
N LEU A 136 -7.36 23.72 18.63
CA LEU A 136 -6.59 22.67 17.98
C LEU A 136 -5.26 23.21 17.46
N ALA A 137 -5.27 24.39 16.85
CA ALA A 137 -4.02 24.97 16.37
C ALA A 137 -3.10 25.32 17.54
N ASP A 138 -3.66 25.81 18.65
CA ASP A 138 -2.83 26.12 19.81
C ASP A 138 -2.18 24.86 20.36
N TYR A 139 -2.92 23.75 20.39
CA TYR A 139 -2.31 22.51 20.87
C TYR A 139 -1.31 21.95 19.88
N LEU A 140 -1.51 22.17 18.59
CA LEU A 140 -0.54 21.68 17.61
C LEU A 140 0.76 22.45 17.68
N PHE A 141 0.69 23.78 17.82
CA PHE A 141 1.89 24.60 17.88
C PHE A 141 2.65 24.46 19.19
N LYS A 142 2.24 23.56 20.08
CA LYS A 142 2.86 23.39 21.39
C LYS A 142 3.62 22.08 21.52
N VAL A 143 3.11 21.01 20.92
CA VAL A 143 3.76 19.71 21.05
C VAL A 143 5.12 19.73 20.37
N GLU A 144 6.02 18.88 20.84
CA GLU A 144 7.35 18.74 20.27
C GLU A 144 7.65 17.33 19.75
N LYS A 145 7.09 16.30 20.38
CA LYS A 145 7.21 14.93 19.89
C LYS A 145 6.01 14.65 18.99
N TRP A 146 6.21 14.78 17.68
CA TRP A 146 5.13 14.54 16.73
C TRP A 146 5.02 13.05 16.45
N GLY A 147 3.92 12.45 16.88
CA GLY A 147 3.73 11.02 16.74
C GLY A 147 2.62 10.63 15.79
N TYR A 148 2.03 9.46 16.04
CA TYR A 148 0.96 8.95 15.18
C TYR A 148 -0.32 9.78 15.31
N TYR A 149 -0.49 10.50 16.42
CA TYR A 149 -1.72 11.21 16.72
C TYR A 149 -1.77 12.59 16.08
N GLU A 150 -0.76 13.41 16.34
CA GLU A 150 -0.76 14.78 15.81
C GLU A 150 -0.68 14.78 14.29
N ILE A 151 0.06 13.83 13.71
CA ILE A 151 0.18 13.77 12.26
C ILE A 151 -1.18 13.57 11.62
N ILE A 152 -1.98 12.65 12.18
CA ILE A 152 -3.30 12.38 11.62
C ILE A 152 -4.23 13.56 11.87
N LEU A 153 -4.20 14.11 13.09
CA LEU A 153 -5.05 15.27 13.40
C LEU A 153 -4.78 16.42 12.44
N LEU A 154 -3.52 16.65 12.10
CA LEU A 154 -3.18 17.74 11.19
C LEU A 154 -3.51 17.39 9.74
N GLY A 155 -3.21 16.17 9.31
CA GLY A 155 -3.46 15.81 7.93
C GLY A 155 -4.93 15.76 7.58
N ASN A 156 -5.78 15.43 8.55
CA ASN A 156 -7.21 15.35 8.29
C ASN A 156 -7.95 16.65 8.56
N CYS A 157 -7.23 17.74 8.83
CA CYS A 157 -7.83 19.06 9.02
C CYS A 157 -7.07 20.12 8.22
N VAL A 158 -6.57 19.74 7.05
CA VAL A 158 -5.84 20.70 6.23
C VAL A 158 -6.77 21.74 5.63
N ARG A 159 -8.04 21.39 5.43
CA ARG A 159 -8.97 22.25 4.72
C ARG A 159 -9.63 23.28 5.62
N THR A 160 -9.59 23.09 6.94
CA THR A 160 -10.19 24.03 7.88
C THR A 160 -9.17 24.93 8.56
N ILE A 161 -8.04 24.37 8.99
CA ILE A 161 -6.98 25.18 9.58
C ILE A 161 -6.37 26.08 8.50
N ASP A 162 -6.11 27.34 8.85
CA ASP A 162 -5.59 28.30 7.90
C ASP A 162 -4.31 27.78 7.26
N TYR A 163 -4.17 28.03 5.96
CA TYR A 163 -3.06 27.44 5.20
C TYR A 163 -1.71 27.91 5.71
N ASN A 164 -1.63 29.17 6.15
CA ASN A 164 -0.35 29.70 6.62
C ASN A 164 0.19 28.89 7.78
N SER A 165 -0.69 28.39 8.65
CA SER A 165 -0.28 27.56 9.77
C SER A 165 -0.25 26.08 9.44
N VAL A 166 -0.81 25.67 8.30
CA VAL A 166 -0.68 24.29 7.87
C VAL A 166 0.70 24.07 7.26
N PHE A 167 1.17 25.01 6.44
CA PHE A 167 2.46 24.82 5.79
C PHE A 167 3.60 24.83 6.79
N LEU A 168 3.51 25.65 7.84
CA LEU A 168 4.56 25.69 8.84
C LEU A 168 4.70 24.33 9.52
N LEU A 169 3.58 23.74 9.93
CA LEU A 169 3.64 22.45 10.61
C LEU A 169 4.08 21.34 9.66
N THR A 170 3.66 21.40 8.40
CA THR A 170 4.11 20.40 7.44
C THR A 170 5.61 20.53 7.15
N LYS A 171 6.13 21.75 7.20
CA LYS A 171 7.56 21.95 7.02
C LYS A 171 8.35 21.46 8.22
N GLU A 172 7.82 21.68 9.43
CA GLU A 172 8.51 21.20 10.62
C GLU A 172 8.45 19.67 10.72
N MET A 173 7.39 19.06 10.19
CA MET A 173 7.30 17.60 10.21
C MET A 173 8.31 16.95 9.27
N LEU A 174 8.65 17.62 8.17
CA LEU A 174 9.62 17.09 7.23
C LEU A 174 11.06 17.38 7.61
N ASN A 175 11.28 18.05 8.74
CA ASN A 175 12.62 18.28 9.27
C ASN A 175 12.93 17.38 10.45
N ASN A 176 11.98 16.54 10.86
CA ASN A 176 12.22 15.48 11.83
C ASN A 176 12.40 14.14 11.13
N TYR A 177 12.96 14.17 9.92
CA TYR A 177 13.07 13.02 9.02
C TYR A 177 11.83 12.13 9.05
N ASN A 183 10.78 3.91 10.59
CA ASN A 183 9.64 3.00 10.62
C ASN A 183 9.01 2.89 9.23
N LYS A 184 8.20 1.86 9.03
CA LYS A 184 7.52 1.65 7.75
C LYS A 184 6.11 2.20 7.73
N THR A 185 5.44 2.25 8.87
CA THR A 185 4.09 2.79 8.95
C THR A 185 4.07 4.29 9.18
N ASN A 186 5.20 4.89 9.54
CA ASN A 186 5.28 6.34 9.72
C ASN A 186 5.70 7.08 8.46
N LYS A 187 6.57 6.48 7.64
CA LYS A 187 6.89 7.10 6.36
C LYS A 187 5.66 7.26 5.49
N ARG A 188 4.79 6.25 5.47
CA ARG A 188 3.55 6.35 4.70
C ARG A 188 2.55 7.31 5.31
N ILE A 189 2.57 7.49 6.64
CA ILE A 189 1.69 8.45 7.27
C ILE A 189 2.18 9.88 7.12
N VAL A 190 3.47 10.08 6.88
CA VAL A 190 4.00 11.40 6.57
C VAL A 190 3.84 11.73 5.09
N THR A 191 3.96 10.73 4.22
CA THR A 191 3.75 10.95 2.79
C THR A 191 2.35 11.49 2.51
N GLN A 192 1.35 10.96 3.20
CA GLN A 192 -0.02 11.40 2.96
C GLN A 192 -0.24 12.83 3.41
N LEU A 193 0.33 13.20 4.57
CA LEU A 193 0.25 14.58 5.02
C LEU A 193 0.94 15.51 4.04
N ALA A 194 2.10 15.11 3.51
CA ALA A 194 2.80 15.95 2.54
C ALA A 194 1.99 16.12 1.27
N ILE A 195 1.33 15.05 0.81
CA ILE A 195 0.53 15.15 -0.41
C ILE A 195 -0.69 16.05 -0.17
N ASN A 196 -1.31 15.94 1.01
CA ASN A 196 -2.42 16.82 1.33
C ASN A 196 -1.99 18.28 1.35
N CYS A 197 -0.86 18.56 1.98
CA CYS A 197 -0.35 19.93 1.98
C CYS A 197 -0.02 20.41 0.59
N LEU A 198 0.47 19.51 -0.28
CA LEU A 198 0.74 19.90 -1.67
C LEU A 198 -0.53 20.27 -2.41
N ILE A 199 -1.59 19.46 -2.26
CA ILE A 199 -2.85 19.78 -2.91
C ILE A 199 -3.39 21.11 -2.41
N LEU A 200 -3.33 21.33 -1.10
CA LEU A 200 -3.79 22.60 -0.54
C LEU A 200 -2.97 23.77 -1.06
N SER A 201 -1.66 23.56 -1.25
CA SER A 201 -0.82 24.65 -1.73
C SER A 201 -1.05 24.92 -3.21
N ILE A 202 -1.47 23.92 -3.97
CA ILE A 202 -1.84 24.16 -5.36
C ILE A 202 -3.15 24.93 -5.41
N ASP A 203 -4.08 24.62 -4.51
CA ASP A 203 -5.34 25.36 -4.46
C ASP A 203 -5.11 26.83 -4.16
N MET A 204 -4.25 27.13 -3.18
CA MET A 204 -4.03 28.50 -2.72
C MET A 204 -3.04 29.27 -3.59
N GLU A 205 -2.45 28.63 -4.61
CA GLU A 205 -1.54 29.29 -5.54
C GLU A 205 -0.31 29.84 -4.82
N GLU A 206 0.39 28.96 -4.11
CA GLU A 206 1.68 29.26 -3.50
C GLU A 206 2.70 28.36 -4.19
N PHE A 207 3.46 28.91 -5.12
CA PHE A 207 4.27 28.09 -6.01
C PHE A 207 5.69 27.90 -5.52
N THR A 208 6.24 28.82 -4.74
CA THR A 208 7.54 28.55 -4.12
C THR A 208 7.41 27.50 -3.02
N ASN A 209 6.22 27.37 -2.44
CA ASN A 209 5.95 26.33 -1.45
C ASN A 209 5.52 25.01 -2.07
N CYS A 210 5.42 24.93 -3.38
CA CYS A 210 5.05 23.70 -4.06
C CYS A 210 6.24 22.92 -4.59
N PHE A 211 7.27 23.61 -5.07
CA PHE A 211 8.47 22.92 -5.53
C PHE A 211 9.13 22.16 -4.38
N TYR A 212 9.19 22.80 -3.20
CA TYR A 212 9.76 22.14 -2.02
C TYR A 212 8.99 20.88 -1.68
N LEU A 213 7.66 20.95 -1.70
CA LEU A 213 6.85 19.78 -1.37
C LEU A 213 7.01 18.68 -2.40
N ILE A 214 7.04 19.03 -3.68
CA ILE A 214 7.24 18.01 -4.72
C ILE A 214 8.58 17.34 -4.56
N ASP A 215 9.63 18.12 -4.30
CA ASP A 215 10.97 17.56 -4.15
C ASP A 215 11.08 16.67 -2.91
N GLU A 216 10.36 17.00 -1.85
CA GLU A 216 10.37 16.13 -0.67
C GLU A 216 9.56 14.86 -0.90
N ILE A 217 8.40 14.97 -1.55
CA ILE A 217 7.54 13.81 -1.72
C ILE A 217 8.16 12.81 -2.67
N LYS A 218 8.75 13.27 -3.78
CA LYS A 218 9.35 12.32 -4.70
C LYS A 218 10.59 11.67 -4.12
N ALA A 219 11.09 12.15 -2.99
CA ALA A 219 12.14 11.47 -2.25
C ALA A 219 11.59 10.59 -1.14
N LEU A 220 10.37 10.84 -0.67
CA LEU A 220 9.73 9.95 0.28
C LEU A 220 9.25 8.68 -0.39
N LEU A 221 8.75 8.79 -1.63
CA LEU A 221 8.25 7.64 -2.39
C LEU A 221 9.34 6.91 -3.15
N ASP A 222 10.60 7.05 -2.73
CA ASP A 222 11.71 6.46 -3.45
C ASP A 222 11.86 5.00 -3.06
N ASN A 223 11.65 4.10 -4.02
CA ASN A 223 11.81 2.66 -3.84
C ASN A 223 10.87 2.11 -2.77
N GLU A 224 9.69 2.70 -2.65
CA GLU A 224 8.63 2.19 -1.79
C GLU A 224 7.45 1.78 -2.64
N LEU A 225 6.81 0.68 -2.26
CA LEU A 225 5.69 0.13 -3.04
C LEU A 225 4.36 0.63 -2.50
N ASN A 226 4.21 1.95 -2.48
CA ASN A 226 2.97 2.62 -2.09
C ASN A 226 2.32 3.16 -3.35
N PHE A 227 1.55 2.30 -4.02
CA PHE A 227 0.99 2.69 -5.31
C PHE A 227 -0.17 3.66 -5.17
N TYR A 228 -0.86 3.64 -4.03
CA TYR A 228 -1.96 4.58 -3.81
C TYR A 228 -1.44 6.00 -3.64
N GLU A 229 -0.45 6.18 -2.76
CA GLU A 229 0.18 7.48 -2.60
C GLU A 229 0.84 7.92 -3.90
N GLN A 230 1.44 6.98 -4.63
CA GLN A 230 2.08 7.36 -5.90
C GLN A 230 1.06 7.80 -6.93
N THR A 231 -0.12 7.18 -6.95
CA THR A 231 -1.15 7.58 -7.89
C THR A 231 -1.70 8.96 -7.55
N VAL A 232 -2.01 9.19 -6.27
CA VAL A 232 -2.53 10.50 -5.91
C VAL A 232 -1.47 11.58 -6.06
N PHE A 233 -0.18 11.21 -5.93
CA PHE A 233 0.88 12.19 -6.16
C PHE A 233 1.07 12.46 -7.65
N LEU A 234 0.86 11.46 -8.49
CA LEU A 234 0.86 11.69 -9.93
C LEU A 234 -0.23 12.68 -10.30
N TYR A 235 -1.43 12.49 -9.75
CA TYR A 235 -2.52 13.43 -10.02
C TYR A 235 -2.18 14.82 -9.50
N ALA A 236 -1.58 14.90 -8.30
CA ALA A 236 -1.24 16.20 -7.74
C ALA A 236 -0.17 16.91 -8.57
N THR A 237 0.79 16.16 -9.10
CA THR A 237 1.81 16.75 -9.97
C THR A 237 1.20 17.25 -11.27
N GLY A 238 0.30 16.47 -11.86
CA GLY A 238 -0.41 16.96 -13.04
C GLY A 238 -1.21 18.21 -12.74
N TYR A 239 -1.84 18.26 -11.58
CA TYR A 239 -2.59 19.44 -11.16
C TYR A 239 -1.68 20.66 -11.05
N PHE A 240 -0.54 20.50 -10.35
CA PHE A 240 0.40 21.61 -10.23
C PHE A 240 0.90 22.07 -11.58
N GLU A 241 1.16 21.14 -12.50
CA GLU A 241 1.66 21.53 -13.80
C GLU A 241 0.59 22.22 -14.64
N PHE A 242 -0.68 21.87 -14.44
CA PHE A 242 -1.74 22.55 -15.17
C PHE A 242 -2.04 23.92 -14.57
N LYS A 243 -1.85 24.10 -13.27
CA LYS A 243 -2.13 25.36 -12.62
C LYS A 243 -1.08 26.41 -12.98
N ARG A 244 0.20 26.07 -12.76
CA ARG A 244 1.29 27.03 -12.98
C ARG A 244 1.40 27.44 -14.44
N TRP A 245 1.74 26.49 -15.32
CA TRP A 245 2.05 26.80 -16.71
C TRP A 245 0.86 26.69 -17.64
N GLN A 246 -0.24 26.06 -17.23
CA GLN A 246 -1.38 25.81 -18.12
C GLN A 246 -0.94 25.03 -19.35
N SER A 247 -0.11 24.02 -19.13
CA SER A 247 0.48 23.24 -20.21
C SER A 247 -0.27 21.94 -20.40
N THR A 248 -0.14 21.38 -21.61
CA THR A 248 -0.78 20.14 -22.00
C THR A 248 -0.07 18.91 -21.46
N SER A 249 0.83 19.05 -20.50
CA SER A 249 1.56 17.93 -19.93
C SER A 249 1.16 17.61 -18.51
N GLY A 250 0.29 18.41 -17.89
CA GLY A 250 -0.30 18.04 -16.63
C GLY A 250 -1.61 17.33 -16.85
N ILE A 251 -2.25 17.68 -17.97
CA ILE A 251 -3.48 17.00 -18.38
C ILE A 251 -3.22 15.51 -18.56
N GLU A 252 -2.11 15.17 -19.21
CA GLU A 252 -1.80 13.75 -19.43
C GLU A 252 -1.54 13.04 -18.12
N LYS A 253 -0.89 13.70 -17.17
CA LYS A 253 -0.65 13.06 -15.87
C LYS A 253 -1.95 12.83 -15.12
N MET A 254 -2.85 13.81 -15.12
CA MET A 254 -4.14 13.61 -14.49
C MET A 254 -4.93 12.48 -15.16
N LYS A 255 -4.90 12.42 -16.48
CA LYS A 255 -5.62 11.35 -17.18
C LYS A 255 -4.98 9.99 -16.95
N GLN A 256 -3.66 9.93 -16.78
CA GLN A 256 -3.02 8.65 -16.47
C GLN A 256 -3.34 8.20 -15.05
N ALA A 257 -3.45 9.14 -14.11
CA ALA A 257 -3.91 8.77 -12.78
C ALA A 257 -5.33 8.23 -12.82
N ILE A 258 -6.21 8.87 -13.61
CA ILE A 258 -7.57 8.37 -13.76
C ILE A 258 -7.57 6.98 -14.40
N GLN A 259 -6.66 6.75 -15.36
CA GLN A 259 -6.56 5.43 -15.97
C GLN A 259 -6.14 4.38 -14.95
N VAL A 260 -5.16 4.70 -14.10
CA VAL A 260 -4.73 3.76 -13.06
C VAL A 260 -5.89 3.45 -12.13
N LEU A 261 -6.68 4.47 -11.77
CA LEU A 261 -7.85 4.21 -10.93
C LEU A 261 -8.89 3.37 -11.64
N ASP A 262 -8.97 3.47 -12.97
CA ASP A 262 -10.01 2.76 -13.71
C ASP A 262 -9.61 1.31 -13.98
N ILE A 263 -8.32 1.03 -14.14
CA ILE A 263 -7.88 -0.33 -14.43
C ILE A 263 -8.02 -1.21 -13.19
N LEU A 264 -7.60 -0.69 -12.04
CA LEU A 264 -7.65 -1.45 -10.80
C LEU A 264 -9.06 -1.62 -10.25
N GLY A 265 -10.08 -1.04 -10.90
CA GLY A 265 -11.45 -1.26 -10.48
C GLY A 265 -11.88 -0.47 -9.26
N GLU A 266 -11.44 0.79 -9.14
CA GLU A 266 -11.87 1.66 -8.05
C GLU A 266 -12.96 2.57 -8.61
N ASP A 267 -14.21 2.12 -8.49
CA ASP A 267 -15.34 2.82 -9.10
C ASP A 267 -15.82 4.00 -8.26
N ASN A 268 -15.83 3.88 -6.94
CA ASN A 268 -16.24 4.96 -6.06
C ASN A 268 -15.08 5.85 -5.65
N LEU A 269 -13.95 5.75 -6.35
CA LEU A 269 -12.79 6.60 -6.10
C LEU A 269 -12.41 7.33 -7.37
N LYS A 270 -12.67 6.69 -8.52
CA LYS A 270 -12.43 7.34 -9.79
C LYS A 270 -13.36 8.53 -9.99
N LEU A 271 -14.55 8.49 -9.38
CA LEU A 271 -15.52 9.57 -9.57
C LEU A 271 -15.06 10.85 -8.90
N HIS A 272 -14.44 10.75 -7.72
CA HIS A 272 -13.99 11.93 -7.00
C HIS A 272 -12.97 12.71 -7.82
N TYR A 273 -12.11 12.00 -8.55
CA TYR A 273 -11.10 12.65 -9.38
C TYR A 273 -11.64 13.04 -10.75
N THR A 274 -12.63 12.31 -11.28
CA THR A 274 -13.20 12.68 -12.56
C THR A 274 -14.01 13.97 -12.45
N ILE A 275 -14.75 14.14 -11.35
CA ILE A 275 -15.50 15.38 -11.14
C ILE A 275 -14.54 16.56 -11.04
N HIS A 276 -13.42 16.37 -10.34
CA HIS A 276 -12.43 17.44 -10.18
C HIS A 276 -11.81 17.79 -11.53
N PHE A 277 -11.39 16.77 -12.29
CA PHE A 277 -10.83 17.02 -13.61
C PHE A 277 -11.83 17.75 -14.51
N ASP A 278 -13.10 17.36 -14.45
CA ASP A 278 -14.10 17.97 -15.33
C ASP A 278 -14.36 19.42 -14.95
N LYS A 279 -14.36 19.73 -13.66
CA LYS A 279 -14.57 21.13 -13.28
C LYS A 279 -13.30 21.97 -13.43
N LEU A 280 -12.14 21.33 -13.54
CA LEU A 280 -10.91 22.06 -13.86
C LEU A 280 -10.87 22.42 -15.35
N ILE A 281 -10.96 21.41 -16.21
CA ILE A 281 -10.69 21.61 -17.64
C ILE A 281 -11.77 22.47 -18.29
N ASN A 282 -13.01 22.40 -17.82
CA ASN A 282 -14.13 23.04 -18.48
C ASN A 282 -14.31 24.50 -18.08
N ASN A 283 -13.38 25.07 -17.32
CA ASN A 283 -13.44 26.49 -16.97
C ASN A 283 -12.07 27.01 -16.59
N THR B 71 11.21 -8.36 22.52
CA THR B 71 10.60 -8.79 21.26
C THR B 71 11.66 -9.01 20.19
N LYS B 72 11.65 -10.19 19.57
CA LYS B 72 12.59 -10.53 18.52
C LYS B 72 12.12 -10.06 17.16
N THR B 73 10.81 -9.94 16.95
CA THR B 73 10.29 -9.59 15.64
C THR B 73 10.35 -8.08 15.42
N GLU B 74 11.52 -7.50 15.62
CA GLU B 74 11.79 -6.12 15.26
C GLU B 74 12.91 -6.01 14.24
N SER B 75 13.93 -6.87 14.34
CA SER B 75 14.98 -6.95 13.33
C SER B 75 14.61 -7.89 12.19
N PHE B 76 13.61 -8.74 12.37
CA PHE B 76 13.17 -9.61 11.29
C PHE B 76 12.43 -8.80 10.22
N ALA B 77 11.58 -7.87 10.64
CA ALA B 77 10.92 -7.00 9.68
C ALA B 77 11.94 -6.16 8.92
N ASN B 78 12.94 -5.63 9.62
CA ASN B 78 13.99 -4.87 8.95
C ASN B 78 14.77 -5.76 7.99
N LEU B 79 15.01 -7.00 8.37
CA LEU B 79 15.70 -7.93 7.48
C LEU B 79 14.91 -8.15 6.19
N VAL B 80 13.61 -8.39 6.33
CA VAL B 80 12.79 -8.65 5.15
C VAL B 80 12.69 -7.40 4.27
N GLN B 81 12.62 -6.22 4.89
CA GLN B 81 12.54 -5.00 4.09
C GLN B 81 13.86 -4.71 3.38
N TYR B 82 14.99 -5.01 4.04
CA TYR B 82 16.28 -4.88 3.38
C TYR B 82 16.40 -5.84 2.20
N ILE B 83 15.96 -7.08 2.38
CA ILE B 83 15.98 -8.04 1.28
C ILE B 83 15.10 -7.56 0.14
N ARG B 84 13.95 -6.99 0.46
CA ARG B 84 13.07 -6.44 -0.58
C ARG B 84 13.76 -5.32 -1.34
N LYS B 85 14.34 -4.35 -0.63
CA LYS B 85 14.96 -3.23 -1.29
C LYS B 85 16.16 -3.64 -2.14
N GLN B 86 16.90 -4.66 -1.71
CA GLN B 86 18.00 -5.14 -2.54
C GLN B 86 17.50 -5.96 -3.72
N TYR B 87 16.36 -6.64 -3.55
CA TYR B 87 15.77 -7.40 -4.66
C TYR B 87 15.23 -6.47 -5.73
N SER B 88 14.74 -5.29 -5.34
CA SER B 88 14.22 -4.35 -6.32
C SER B 88 15.35 -3.69 -7.10
N LEU B 89 16.40 -3.24 -6.40
CA LEU B 89 17.57 -2.68 -7.05
C LEU B 89 18.42 -3.74 -7.75
N GLN B 90 17.99 -5.01 -7.74
CA GLN B 90 18.70 -6.11 -8.38
C GLN B 90 20.13 -6.26 -7.86
N ASN B 91 20.37 -5.84 -6.61
CA ASN B 91 21.67 -6.00 -5.98
C ASN B 91 21.78 -7.43 -5.46
N ILE B 92 22.07 -8.35 -6.38
CA ILE B 92 22.11 -9.77 -6.06
C ILE B 92 23.31 -10.13 -5.20
N ASN B 93 24.31 -9.26 -5.11
CA ASN B 93 25.52 -9.56 -4.37
C ASN B 93 25.49 -9.08 -2.93
N ASN B 94 24.51 -8.26 -2.55
CA ASN B 94 24.36 -7.83 -1.16
C ASN B 94 23.36 -8.69 -0.40
N ILE B 95 22.55 -9.47 -1.09
CA ILE B 95 21.72 -10.46 -0.41
C ILE B 95 22.52 -11.73 -0.16
N GLN B 96 23.36 -12.11 -1.12
CA GLN B 96 24.22 -13.27 -0.97
C GLN B 96 25.25 -13.09 0.13
N SER B 97 25.46 -11.87 0.62
CA SER B 97 26.42 -11.62 1.69
C SER B 97 25.79 -11.68 3.07
N LEU B 98 24.46 -11.83 3.17
CA LEU B 98 23.83 -12.00 4.47
C LEU B 98 24.15 -13.36 5.07
N LEU B 99 24.46 -14.35 4.23
CA LEU B 99 24.74 -15.69 4.72
C LEU B 99 26.09 -15.73 5.44
N SER B 100 27.15 -15.30 4.78
CA SER B 100 28.49 -15.33 5.35
C SER B 100 28.60 -14.36 6.53
N ASP B 101 29.69 -14.50 7.27
CA ASP B 101 29.99 -13.61 8.40
C ASP B 101 30.66 -12.33 7.90
N SER B 102 29.93 -11.60 7.07
CA SER B 102 30.45 -10.37 6.49
C SER B 102 29.47 -9.19 6.57
N SER B 103 28.23 -9.42 6.98
CA SER B 103 27.25 -8.36 7.17
C SER B 103 26.91 -8.29 8.66
N ASN B 104 25.95 -7.42 9.00
CA ASN B 104 25.50 -7.30 10.38
C ASN B 104 24.06 -7.82 10.46
N TYR B 105 23.94 -9.14 10.53
CA TYR B 105 22.70 -9.86 10.72
C TYR B 105 23.02 -11.31 11.09
N THR B 106 22.53 -11.76 12.24
CA THR B 106 22.68 -13.16 12.63
C THR B 106 21.38 -13.90 12.32
N LEU B 107 21.45 -14.89 11.44
CA LEU B 107 20.28 -15.60 10.96
C LEU B 107 20.24 -16.99 11.57
N ASP B 108 19.14 -17.30 12.27
CA ASP B 108 18.88 -18.67 12.67
C ASP B 108 18.58 -19.51 11.44
N PRO B 109 18.73 -20.84 11.53
CA PRO B 109 18.65 -21.68 10.32
C PRO B 109 17.42 -21.44 9.45
N PHE B 110 16.27 -21.08 10.03
CA PHE B 110 15.09 -20.87 9.21
C PHE B 110 15.23 -19.61 8.36
N GLU B 111 15.82 -18.56 8.92
CA GLU B 111 16.02 -17.34 8.14
C GLU B 111 17.05 -17.56 7.04
N LYS B 112 18.11 -18.33 7.31
CA LYS B 112 19.07 -18.66 6.26
C LYS B 112 18.42 -19.50 5.17
N THR B 113 17.54 -20.43 5.53
CA THR B 113 16.83 -21.20 4.52
C THR B 113 15.92 -20.29 3.68
N MET B 114 15.25 -19.34 4.32
CA MET B 114 14.39 -18.42 3.58
C MET B 114 15.22 -17.55 2.63
N VAL B 115 16.41 -17.13 3.06
CA VAL B 115 17.25 -16.30 2.20
C VAL B 115 17.76 -17.11 1.02
N LYS B 116 18.14 -18.37 1.26
CA LYS B 116 18.55 -19.23 0.16
C LYS B 116 17.41 -19.45 -0.83
N SER B 117 16.18 -19.59 -0.32
CA SER B 117 15.04 -19.78 -1.22
C SER B 117 14.72 -18.51 -2.00
N ILE B 118 14.95 -17.34 -1.40
CA ILE B 118 14.74 -16.09 -2.13
C ILE B 118 15.81 -15.92 -3.22
N LEU B 119 17.06 -16.22 -2.88
CA LEU B 119 18.12 -16.17 -3.89
C LEU B 119 17.89 -17.18 -5.00
N HIS B 120 17.22 -18.30 -4.69
CA HIS B 120 16.96 -19.32 -5.70
C HIS B 120 16.08 -18.82 -6.84
N THR B 121 15.30 -17.76 -6.62
CA THR B 121 14.46 -17.19 -7.66
C THR B 121 15.23 -16.22 -8.55
N MET B 122 16.47 -15.90 -8.21
CA MET B 122 17.32 -15.05 -9.03
C MET B 122 18.51 -15.78 -9.64
N ASP B 123 18.90 -16.93 -9.10
CA ASP B 123 20.03 -17.68 -9.62
C ASP B 123 19.79 -19.15 -9.30
N SER B 124 19.39 -19.93 -10.31
CA SER B 124 18.93 -21.30 -10.11
C SER B 124 20.01 -22.23 -9.57
N SER B 125 21.25 -21.76 -9.40
CA SER B 125 22.33 -22.60 -8.90
C SER B 125 22.45 -22.56 -7.37
N ILE B 126 21.49 -21.95 -6.68
CA ILE B 126 21.48 -21.87 -5.23
C ILE B 126 20.22 -22.57 -4.74
N ILE B 127 20.40 -23.67 -4.02
CA ILE B 127 19.27 -24.42 -3.48
C ILE B 127 19.50 -24.69 -2.00
N PRO B 128 18.46 -24.69 -1.18
CA PRO B 128 18.61 -25.17 0.20
C PRO B 128 18.68 -26.69 0.21
N SER B 129 19.47 -27.21 1.13
CA SER B 129 19.62 -28.66 1.23
C SER B 129 18.30 -29.32 1.56
N ASP B 130 18.21 -30.61 1.26
CA ASP B 130 16.99 -31.36 1.55
C ASP B 130 16.70 -31.41 3.04
N ASP B 131 17.75 -31.43 3.86
CA ASP B 131 17.56 -31.47 5.30
C ASP B 131 16.95 -30.17 5.83
N GLU B 132 17.39 -29.03 5.28
CA GLU B 132 16.83 -27.75 5.69
C GLU B 132 15.35 -27.66 5.36
N LEU B 133 14.96 -28.06 4.15
CA LEU B 133 13.55 -28.01 3.76
C LEU B 133 12.72 -29.01 4.55
N LEU B 134 13.27 -30.19 4.81
CA LEU B 134 12.57 -31.17 5.65
C LEU B 134 12.32 -30.60 7.04
N GLN B 135 13.36 -30.05 7.68
CA GLN B 135 13.25 -29.55 9.04
C GLN B 135 12.51 -28.23 9.14
N LEU B 136 12.29 -27.54 8.02
CA LEU B 136 11.38 -26.40 8.01
C LEU B 136 9.93 -26.80 7.83
N ALA B 137 9.65 -27.71 6.89
CA ALA B 137 8.29 -28.21 6.72
C ALA B 137 7.81 -28.90 7.99
N ASP B 138 8.68 -29.66 8.66
CA ASP B 138 8.28 -30.30 9.90
C ASP B 138 7.89 -29.29 10.97
N TYR B 139 8.58 -28.16 11.07
CA TYR B 139 8.24 -27.14 12.05
C TYR B 139 7.02 -26.33 11.66
N LEU B 140 6.75 -26.19 10.36
CA LEU B 140 5.56 -25.45 9.96
C LEU B 140 4.28 -26.18 10.35
N PHE B 141 4.31 -27.52 10.36
CA PHE B 141 3.09 -28.28 10.66
C PHE B 141 2.78 -28.26 12.15
N LYS B 142 3.74 -28.68 12.98
CA LYS B 142 3.49 -28.67 14.42
C LYS B 142 3.54 -27.26 14.97
N VAL B 143 2.56 -26.45 14.58
CA VAL B 143 2.39 -25.11 15.12
C VAL B 143 0.91 -24.79 15.06
N GLU B 144 0.43 -24.01 16.02
CA GLU B 144 -0.99 -23.75 16.18
C GLU B 144 -1.38 -22.31 15.88
N LYS B 145 -0.63 -21.33 16.39
CA LYS B 145 -0.93 -19.92 16.18
C LYS B 145 0.03 -19.39 15.13
N TRP B 146 -0.49 -19.10 13.94
CA TRP B 146 0.31 -18.56 12.85
C TRP B 146 0.42 -17.06 13.02
N GLY B 147 1.64 -16.56 13.25
CA GLY B 147 1.87 -15.16 13.47
C GLY B 147 2.62 -14.51 12.32
N TYR B 148 3.25 -13.37 12.62
CA TYR B 148 3.99 -12.62 11.62
C TYR B 148 5.20 -13.39 11.08
N TYR B 149 5.67 -14.39 11.84
CA TYR B 149 6.91 -15.09 11.51
C TYR B 149 6.67 -16.26 10.55
N GLU B 150 5.76 -17.16 10.91
CA GLU B 150 5.52 -18.34 10.10
C GLU B 150 4.92 -17.98 8.75
N ILE B 151 4.05 -16.97 8.72
CA ILE B 151 3.44 -16.57 7.46
C ILE B 151 4.50 -16.08 6.48
N ILE B 152 5.47 -15.33 6.96
CA ILE B 152 6.53 -14.84 6.08
C ILE B 152 7.46 -15.98 5.68
N LEU B 153 7.80 -16.86 6.62
CA LEU B 153 8.66 -18.00 6.29
C LEU B 153 8.03 -18.87 5.21
N LEU B 154 6.70 -19.06 5.27
CA LEU B 154 6.02 -19.85 4.26
C LEU B 154 5.84 -19.09 2.96
N GLY B 155 5.59 -17.78 3.05
CA GLY B 155 5.42 -16.99 1.84
C GLY B 155 6.67 -16.94 0.99
N ASN B 156 7.82 -16.72 1.62
CA ASN B 156 9.06 -16.74 0.86
C ASN B 156 9.71 -18.12 0.88
N CYS B 157 8.89 -19.16 0.67
CA CYS B 157 9.42 -20.50 0.42
C CYS B 157 8.56 -21.29 -0.56
N VAL B 158 7.71 -20.64 -1.35
CA VAL B 158 6.74 -21.37 -2.15
C VAL B 158 7.41 -22.18 -3.25
N ARG B 159 8.57 -21.73 -3.73
CA ARG B 159 9.24 -22.40 -4.83
C ARG B 159 9.99 -23.65 -4.41
N THR B 160 10.41 -23.73 -3.14
CA THR B 160 11.22 -24.85 -2.67
C THR B 160 10.40 -25.92 -1.97
N ILE B 161 9.51 -25.53 -1.07
CA ILE B 161 8.65 -26.50 -0.39
C ILE B 161 7.68 -27.11 -1.39
N ASP B 162 7.49 -28.43 -1.30
CA ASP B 162 6.60 -29.14 -2.21
C ASP B 162 5.22 -28.50 -2.22
N TYR B 163 4.63 -28.42 -3.41
CA TYR B 163 3.37 -27.70 -3.58
C TYR B 163 2.25 -28.33 -2.75
N ASN B 164 2.25 -29.66 -2.66
CA ASN B 164 1.19 -30.36 -1.95
C ASN B 164 1.10 -29.91 -0.49
N SER B 165 2.23 -29.56 0.12
CA SER B 165 2.25 -29.07 1.49
C SER B 165 2.22 -27.56 1.58
N VAL B 166 2.37 -26.85 0.46
CA VAL B 166 2.17 -25.41 0.46
C VAL B 166 0.68 -25.09 0.42
N PHE B 167 -0.08 -25.79 -0.43
CA PHE B 167 -1.50 -25.51 -0.52
C PHE B 167 -2.22 -25.85 0.77
N LEU B 168 -1.81 -26.93 1.44
CA LEU B 168 -2.45 -27.29 2.71
C LEU B 168 -2.27 -26.19 3.74
N LEU B 169 -1.06 -25.69 3.90
CA LEU B 169 -0.80 -24.65 4.89
C LEU B 169 -1.51 -23.35 4.52
N THR B 170 -1.58 -23.03 3.22
CA THR B 170 -2.30 -21.82 2.83
C THR B 170 -3.80 -21.96 3.10
N LYS B 171 -4.36 -23.14 2.84
CA LYS B 171 -5.76 -23.38 3.12
C LYS B 171 -6.04 -23.29 4.62
N GLU B 172 -5.13 -23.80 5.44
CA GLU B 172 -5.33 -23.72 6.89
C GLU B 172 -5.17 -22.30 7.40
N MET B 173 -4.32 -21.50 6.76
CA MET B 173 -4.18 -20.10 7.15
C MET B 173 -5.35 -19.25 6.70
N LEU B 174 -6.00 -19.58 5.59
CA LEU B 174 -7.17 -18.85 5.14
C LEU B 174 -8.44 -19.27 5.89
N ASN B 175 -8.36 -20.27 6.77
CA ASN B 175 -9.49 -20.65 7.60
C ASN B 175 -9.44 -20.00 8.98
N ASN B 176 -8.82 -18.83 9.08
CA ASN B 176 -8.80 -18.03 10.30
C ASN B 176 -9.34 -16.65 9.97
N TYR B 177 -10.52 -16.34 10.51
CA TYR B 177 -11.20 -15.06 10.28
C TYR B 177 -11.50 -14.85 8.80
N ASN B 183 -5.31 -7.52 12.29
CA ASN B 183 -5.42 -6.07 12.20
C ASN B 183 -5.32 -5.60 10.76
N LYS B 184 -4.57 -4.52 10.54
CA LYS B 184 -4.42 -3.96 9.19
C LYS B 184 -3.14 -4.44 8.51
N THR B 185 -2.05 -4.59 9.28
CA THR B 185 -0.80 -5.06 8.70
C THR B 185 -0.76 -6.57 8.56
N ASN B 186 -1.60 -7.29 9.31
CA ASN B 186 -1.64 -8.75 9.24
C ASN B 186 -2.61 -9.26 8.18
N LYS B 187 -3.31 -8.36 7.48
CA LYS B 187 -4.20 -8.76 6.40
C LYS B 187 -3.50 -8.73 5.05
N ARG B 188 -2.64 -7.74 4.83
CA ARG B 188 -1.90 -7.69 3.57
C ARG B 188 -0.87 -8.80 3.49
N ILE B 189 -0.33 -9.25 4.62
CA ILE B 189 0.59 -10.38 4.60
C ILE B 189 -0.12 -11.66 4.17
N VAL B 190 -1.33 -11.88 4.68
CA VAL B 190 -2.11 -13.03 4.26
C VAL B 190 -2.49 -12.90 2.80
N THR B 191 -2.79 -11.68 2.35
CA THR B 191 -3.09 -11.46 0.94
C THR B 191 -1.91 -11.84 0.06
N GLN B 192 -0.71 -11.42 0.45
CA GLN B 192 0.49 -11.74 -0.33
C GLN B 192 0.76 -13.23 -0.34
N LEU B 193 0.58 -13.89 0.80
CA LEU B 193 0.75 -15.35 0.84
C LEU B 193 -0.24 -16.04 -0.09
N ALA B 194 -1.50 -15.59 -0.08
CA ALA B 194 -2.49 -16.21 -0.95
C ALA B 194 -2.19 -15.97 -2.42
N ILE B 195 -1.67 -14.79 -2.76
CA ILE B 195 -1.33 -14.51 -4.15
C ILE B 195 -0.15 -15.38 -4.60
N ASN B 196 0.84 -15.56 -3.72
CA ASN B 196 1.95 -16.43 -4.05
C ASN B 196 1.48 -17.88 -4.25
N CYS B 197 0.62 -18.36 -3.36
CA CYS B 197 0.08 -19.70 -3.52
C CYS B 197 -0.73 -19.82 -4.81
N LEU B 198 -1.43 -18.76 -5.21
CA LEU B 198 -2.19 -18.80 -6.45
C LEU B 198 -1.26 -18.89 -7.66
N ILE B 199 -0.19 -18.09 -7.68
CA ILE B 199 0.76 -18.16 -8.78
C ILE B 199 1.36 -19.55 -8.87
N LEU B 200 1.74 -20.11 -7.72
CA LEU B 200 2.32 -21.45 -7.71
C LEU B 200 1.32 -22.49 -8.20
N SER B 201 0.04 -22.32 -7.85
CA SER B 201 -0.97 -23.28 -8.28
C SER B 201 -1.27 -23.15 -9.77
N ILE B 202 -1.11 -21.96 -10.34
CA ILE B 202 -1.26 -21.81 -11.78
C ILE B 202 -0.09 -22.47 -12.48
N ASP B 203 1.12 -22.37 -11.91
CA ASP B 203 2.27 -23.04 -12.50
C ASP B 203 2.09 -24.56 -12.52
N MET B 204 1.60 -25.13 -11.42
CA MET B 204 1.48 -26.58 -11.29
C MET B 204 0.21 -27.14 -11.93
N GLU B 205 -0.65 -26.28 -12.48
CA GLU B 205 -1.88 -26.70 -13.16
C GLU B 205 -2.79 -27.50 -12.22
N GLU B 206 -3.23 -26.82 -11.17
CA GLU B 206 -4.24 -27.34 -10.23
C GLU B 206 -5.40 -26.36 -10.28
N PHE B 207 -6.42 -26.67 -11.08
CA PHE B 207 -7.46 -25.69 -11.37
C PHE B 207 -8.63 -25.75 -10.40
N THR B 208 -8.85 -26.86 -9.71
CA THR B 208 -9.81 -26.85 -8.62
C THR B 208 -9.26 -26.14 -7.40
N ASN B 209 -7.94 -26.07 -7.27
CA ASN B 209 -7.29 -25.34 -6.20
C ASN B 209 -7.02 -23.88 -6.56
N CYS B 210 -7.47 -23.42 -7.73
CA CYS B 210 -7.28 -22.03 -8.15
C CYS B 210 -8.54 -21.20 -7.99
N PHE B 211 -9.71 -21.75 -8.28
CA PHE B 211 -10.94 -21.00 -8.08
C PHE B 211 -11.12 -20.64 -6.61
N TYR B 212 -10.80 -21.58 -5.72
CA TYR B 212 -10.86 -21.31 -4.29
C TYR B 212 -10.01 -20.11 -3.91
N LEU B 213 -8.75 -20.11 -4.34
CA LEU B 213 -7.86 -19.00 -4.02
C LEU B 213 -8.32 -17.69 -4.65
N ILE B 214 -8.90 -17.75 -5.86
CA ILE B 214 -9.34 -16.53 -6.51
C ILE B 214 -10.52 -15.91 -5.74
N ASP B 215 -11.51 -16.72 -5.37
CA ASP B 215 -12.64 -16.17 -4.64
C ASP B 215 -12.30 -15.86 -3.18
N GLU B 216 -11.20 -16.41 -2.66
CA GLU B 216 -10.72 -15.99 -1.34
C GLU B 216 -9.93 -14.69 -1.38
N ILE B 217 -9.21 -14.41 -2.47
CA ILE B 217 -8.46 -13.17 -2.56
C ILE B 217 -9.38 -12.01 -2.95
N LYS B 218 -10.41 -12.28 -3.76
CA LYS B 218 -11.39 -11.24 -4.04
C LYS B 218 -12.01 -10.71 -2.76
N ALA B 219 -12.17 -11.56 -1.75
CA ALA B 219 -12.75 -11.15 -0.48
C ALA B 219 -11.73 -10.49 0.44
N LEU B 220 -10.44 -10.69 0.20
CA LEU B 220 -9.39 -10.04 0.97
C LEU B 220 -9.02 -8.67 0.44
N LEU B 221 -9.14 -8.44 -0.87
CA LEU B 221 -8.88 -7.13 -1.46
C LEU B 221 -10.15 -6.29 -1.55
N ASP B 222 -11.12 -6.55 -0.67
CA ASP B 222 -12.42 -5.88 -0.73
C ASP B 222 -12.34 -4.56 0.05
N ASN B 223 -12.44 -3.45 -0.69
CA ASN B 223 -12.45 -2.11 -0.10
C ASN B 223 -11.19 -1.83 0.72
N GLU B 224 -10.08 -2.37 0.25
CA GLU B 224 -8.76 -2.09 0.82
C GLU B 224 -7.89 -1.44 -0.24
N LEU B 225 -7.22 -0.35 0.15
CA LEU B 225 -6.40 0.42 -0.79
C LEU B 225 -4.98 -0.14 -0.87
N ASN B 226 -4.90 -1.38 -1.33
CA ASN B 226 -3.63 -2.08 -1.57
C ASN B 226 -3.50 -2.26 -3.08
N PHE B 227 -2.91 -1.26 -3.75
CA PHE B 227 -2.85 -1.30 -5.20
C PHE B 227 -1.74 -2.20 -5.72
N TYR B 228 -0.71 -2.47 -4.91
CA TYR B 228 0.35 -3.37 -5.34
C TYR B 228 -0.14 -4.81 -5.39
N GLU B 229 -0.73 -5.27 -4.29
CA GLU B 229 -1.34 -6.60 -4.28
C GLU B 229 -2.44 -6.70 -5.32
N GLN B 230 -3.18 -5.62 -5.54
CA GLN B 230 -4.25 -5.65 -6.54
C GLN B 230 -3.69 -5.78 -7.95
N THR B 231 -2.57 -5.11 -8.23
CA THR B 231 -1.95 -5.23 -9.55
C THR B 231 -1.40 -6.63 -9.78
N VAL B 232 -0.70 -7.18 -8.79
CA VAL B 232 -0.15 -8.52 -8.98
C VAL B 232 -1.28 -9.56 -9.04
N PHE B 233 -2.41 -9.30 -8.36
CA PHE B 233 -3.54 -10.21 -8.47
C PHE B 233 -4.23 -10.10 -9.81
N LEU B 234 -4.28 -8.89 -10.39
CA LEU B 234 -4.77 -8.74 -11.76
C LEU B 234 -3.93 -9.56 -12.72
N TYR B 235 -2.61 -9.45 -12.59
CA TYR B 235 -1.73 -10.25 -13.45
C TYR B 235 -1.93 -11.73 -13.24
N ALA B 236 -2.09 -12.16 -11.98
CA ALA B 236 -2.28 -13.58 -11.70
C ALA B 236 -3.61 -14.08 -12.26
N THR B 237 -4.65 -13.25 -12.24
CA THR B 237 -5.93 -13.67 -12.81
C THR B 237 -5.84 -13.78 -14.33
N GLY B 238 -5.17 -12.83 -14.98
CA GLY B 238 -4.93 -12.97 -16.40
C GLY B 238 -4.13 -14.22 -16.73
N TYR B 239 -3.12 -14.52 -15.91
CA TYR B 239 -2.33 -15.72 -16.09
C TYR B 239 -3.19 -16.97 -15.97
N PHE B 240 -4.08 -17.01 -14.97
CA PHE B 240 -4.96 -18.15 -14.80
C PHE B 240 -5.88 -18.34 -15.99
N GLU B 241 -6.45 -17.25 -16.49
CA GLU B 241 -7.33 -17.37 -17.65
C GLU B 241 -6.58 -17.86 -18.87
N PHE B 242 -5.38 -17.32 -19.12
CA PHE B 242 -4.61 -17.76 -20.28
C PHE B 242 -4.17 -19.20 -20.15
N LYS B 243 -3.86 -19.66 -18.95
CA LYS B 243 -3.49 -21.05 -18.72
C LYS B 243 -4.67 -21.97 -18.99
N ARG B 244 -5.78 -21.75 -18.28
CA ARG B 244 -6.92 -22.65 -18.38
C ARG B 244 -7.55 -22.61 -19.77
N TRP B 245 -8.08 -21.45 -20.17
CA TRP B 245 -8.89 -21.38 -21.38
C TRP B 245 -8.13 -20.98 -22.62
N GLN B 246 -6.92 -20.43 -22.48
CA GLN B 246 -6.14 -19.92 -23.61
C GLN B 246 -6.95 -18.88 -24.38
N SER B 247 -7.60 -17.99 -23.64
CA SER B 247 -8.50 -17.00 -24.21
C SER B 247 -7.81 -15.64 -24.27
N THR B 248 -8.32 -14.80 -25.17
CA THR B 248 -7.80 -13.45 -25.37
C THR B 248 -8.20 -12.49 -24.28
N SER B 249 -8.79 -12.96 -23.18
CA SER B 249 -9.18 -12.09 -22.08
C SER B 249 -8.26 -12.19 -20.88
N GLY B 250 -7.27 -13.07 -20.90
CA GLY B 250 -6.25 -13.08 -19.89
C GLY B 250 -5.07 -12.25 -20.35
N ILE B 251 -4.86 -12.25 -21.67
CA ILE B 251 -3.84 -11.39 -22.26
C ILE B 251 -4.13 -9.93 -21.96
N GLU B 252 -5.39 -9.52 -22.06
CA GLU B 252 -5.76 -8.14 -21.76
C GLU B 252 -5.45 -7.79 -20.31
N LYS B 253 -5.73 -8.70 -19.39
CA LYS B 253 -5.48 -8.41 -17.98
C LYS B 253 -3.99 -8.32 -17.69
N MET B 254 -3.19 -9.21 -18.28
CA MET B 254 -1.75 -9.14 -18.09
C MET B 254 -1.18 -7.84 -18.67
N LYS B 255 -1.66 -7.43 -19.85
CA LYS B 255 -1.19 -6.19 -20.44
C LYS B 255 -1.64 -4.97 -19.65
N GLN B 256 -2.83 -5.03 -19.02
CA GLN B 256 -3.25 -3.91 -18.20
C GLN B 256 -2.44 -3.83 -16.92
N ALA B 257 -2.06 -4.98 -16.35
CA ALA B 257 -1.15 -4.94 -15.20
C ALA B 257 0.19 -4.34 -15.58
N ILE B 258 0.71 -4.69 -16.76
CA ILE B 258 1.96 -4.10 -17.21
C ILE B 258 1.80 -2.61 -17.45
N GLN B 259 0.63 -2.19 -17.94
CA GLN B 259 0.37 -0.76 -18.10
C GLN B 259 0.38 -0.03 -16.77
N VAL B 260 -0.25 -0.62 -15.74
CA VAL B 260 -0.25 0.01 -14.43
C VAL B 260 1.17 0.12 -13.89
N LEU B 261 1.98 -0.92 -14.11
CA LEU B 261 3.38 -0.85 -13.69
C LEU B 261 4.15 0.21 -14.46
N ASP B 262 3.78 0.45 -15.71
CA ASP B 262 4.52 1.40 -16.54
C ASP B 262 4.11 2.85 -16.28
N ILE B 263 2.85 3.10 -15.93
CA ILE B 263 2.38 4.45 -15.69
C ILE B 263 2.98 5.00 -14.40
N LEU B 264 2.92 4.20 -13.33
CA LEU B 264 3.46 4.62 -12.05
C LEU B 264 4.98 4.71 -12.03
N GLY B 265 5.65 4.40 -13.14
CA GLY B 265 7.08 4.59 -13.23
C GLY B 265 7.88 3.67 -12.32
N GLU B 266 7.85 2.37 -12.60
CA GLU B 266 8.62 1.40 -11.84
C GLU B 266 9.92 1.02 -12.54
N ASP B 267 9.84 0.60 -13.80
CA ASP B 267 10.98 0.37 -14.67
C ASP B 267 11.79 -0.85 -14.26
N ASN B 268 11.43 -1.47 -13.13
CA ASN B 268 12.09 -2.69 -12.69
C ASN B 268 11.12 -3.85 -12.59
N LEU B 269 10.01 -3.69 -11.86
CA LEU B 269 8.97 -4.71 -11.85
C LEU B 269 8.43 -4.95 -13.25
N LYS B 270 8.27 -3.86 -14.02
CA LYS B 270 7.82 -4.00 -15.40
C LYS B 270 8.72 -4.93 -16.19
N LEU B 271 10.02 -4.90 -15.90
CA LEU B 271 10.96 -5.78 -16.59
C LEU B 271 10.69 -7.24 -16.26
N HIS B 272 10.49 -7.56 -14.97
CA HIS B 272 10.18 -8.93 -14.58
C HIS B 272 8.90 -9.42 -15.25
N TYR B 273 7.82 -8.65 -15.12
CA TYR B 273 6.55 -9.10 -15.66
C TYR B 273 6.56 -9.14 -17.18
N THR B 274 7.38 -8.31 -17.82
CA THR B 274 7.47 -8.38 -19.29
C THR B 274 8.27 -9.60 -19.73
N ILE B 275 9.35 -9.92 -19.02
CA ILE B 275 10.10 -11.13 -19.33
C ILE B 275 9.23 -12.36 -19.15
N HIS B 276 8.31 -12.32 -18.17
CA HIS B 276 7.40 -13.43 -17.97
C HIS B 276 6.37 -13.50 -19.10
N PHE B 277 5.72 -12.37 -19.40
CA PHE B 277 4.69 -12.33 -20.43
C PHE B 277 5.24 -12.76 -21.78
N ASP B 278 6.48 -12.39 -22.10
CA ASP B 278 7.03 -12.70 -23.41
C ASP B 278 7.22 -14.20 -23.59
N LYS B 279 7.75 -14.89 -22.59
CA LYS B 279 7.92 -16.33 -22.69
C LYS B 279 6.62 -17.09 -22.52
N LEU B 280 5.61 -16.49 -21.89
CA LEU B 280 4.27 -17.07 -21.93
C LEU B 280 3.70 -17.04 -23.32
N ILE B 281 3.70 -15.88 -23.96
CA ILE B 281 2.97 -15.70 -25.21
C ILE B 281 3.73 -16.30 -26.39
N ASN B 282 5.06 -16.19 -26.40
CA ASN B 282 5.84 -16.58 -27.57
C ASN B 282 6.02 -18.08 -27.72
N ASN B 283 5.44 -18.89 -26.84
CA ASN B 283 5.50 -20.34 -26.99
C ASN B 283 4.38 -21.02 -26.21
N ASP C 1 -14.11 15.50 -3.12
CA ASP C 1 -12.78 16.09 -2.98
C ASP C 1 -11.72 15.06 -3.33
N ILE C 2 -10.46 15.51 -3.43
CA ILE C 2 -9.37 14.66 -3.90
C ILE C 2 -8.32 14.44 -2.82
N ILE C 3 -8.55 14.90 -1.61
CA ILE C 3 -7.60 14.69 -0.53
C ILE C 3 -7.78 13.29 0.03
N ILE C 4 -6.68 12.69 0.46
CA ILE C 4 -6.71 11.34 1.01
C ILE C 4 -6.82 11.43 2.52
N ILE C 5 -7.57 10.50 3.11
CA ILE C 5 -7.78 10.48 4.55
C ILE C 5 -6.52 9.89 5.21
N VAL C 6 -5.75 10.75 5.86
CA VAL C 6 -4.53 10.30 6.52
C VAL C 6 -4.89 9.33 7.63
N GLY C 7 -4.20 8.19 7.67
CA GLY C 7 -4.45 7.15 8.65
C GLY C 7 -5.21 5.96 8.12
N GLY C 8 -5.79 6.05 6.94
CA GLY C 8 -6.53 4.94 6.35
C GLY C 8 -6.44 4.92 4.84
N ASP D 1 11.47 -13.52 -11.69
CA ASP D 1 10.21 -14.18 -11.32
C ASP D 1 9.15 -13.14 -11.02
N ILE D 2 7.92 -13.58 -10.81
CA ILE D 2 6.79 -12.68 -10.61
C ILE D 2 6.21 -12.77 -9.21
N ILE D 3 6.77 -13.61 -8.34
CA ILE D 3 6.26 -13.70 -6.98
C ILE D 3 6.69 -12.47 -6.19
N ILE D 4 5.87 -12.08 -5.23
CA ILE D 4 6.14 -10.91 -4.40
C ILE D 4 6.77 -11.38 -3.09
N ILE D 5 7.71 -10.59 -2.58
CA ILE D 5 8.41 -10.92 -1.34
C ILE D 5 7.49 -10.59 -0.18
N VAL D 6 6.95 -11.63 0.46
CA VAL D 6 6.02 -11.44 1.56
C VAL D 6 6.75 -10.78 2.73
N GLY D 7 6.13 -9.75 3.29
CA GLY D 7 6.66 -9.06 4.44
C GLY D 7 7.34 -7.74 4.13
N GLY D 8 7.54 -7.43 2.85
CA GLY D 8 8.18 -6.18 2.48
C GLY D 8 7.77 -5.69 1.10
#